data_5TGZ
#
_entry.id   5TGZ
#
_cell.length_a   116.560
_cell.length_b   52.630
_cell.length_c   143.630
_cell.angle_alpha   90.00
_cell.angle_beta   111.14
_cell.angle_gamma   90.00
#
_symmetry.space_group_name_H-M   'C 1 2 1'
#
loop_
_entity.id
_entity.type
_entity.pdbx_description
1 polymer 'Cannabinoid receptor 1,Flavodoxin,Cannabinoid receptor 1'
2 non-polymer '4-[4-[2-(2,4-dichlorophenyl)-4-methyl-5-(piperidin-1-ylcarbamoyl)pyrazol-3-yl]phenyl]but-3-ynyl nitrate'
3 non-polymer 'FLAVIN MONONUCLEOTIDE'
4 non-polymer '(2R)-2,3-dihydroxypropyl (9Z)-octadec-9-enoate'
5 non-polymer 'OLEIC ACID'
6 non-polymer DI(HYDROXYETHYL)ETHER
7 water water
#
_entity_poly.entity_id   1
_entity_poly.type   'polypeptide(L)'
_entity_poly.pdbx_seq_one_letter_code
;GGGRGENFMDIECFMVLNPSQQLAIAVLSLTLGTFTVLENLLVLCVILHSRSLRCRPSYHFIGSLAVADLLGSVIFVYSF
IDFHVFHRKDSRNVFLFKLGGVTASFTASVGSLFLAAIDRYISIHRPLAYKRIVTRPKAVVAFCLMWTIAIVIAVLPLLG
WNCEKLQSVCSDIFPHIDKTYLMFWIGVVSVLLLFIVYAYMYILWKAHSHAVAKALIVYGSTTGNTEYTAETIARELADA
GYEVDSRDAASVEAGGLFEGFDLVLLGCSTWGDDSIELQDDFIPLFDSLEETGAQGRKVACFGCGDSSWEYFCGAVDAIE
EKLKNLGAEIVQDGLRIDGDPRAARDDIVGWAHDVRGAIPDQARMDIELAKTLVLILVVLIICWGPLLAIMVYDVFGKMN
KLIKTVFAFCSMLCLLNSTVNPIIYALRSKDLRHAFRSMFPSHHHHHHHHHH
;
_entity_poly.pdbx_strand_id   A
#
loop_
_chem_comp.id
_chem_comp.type
_chem_comp.name
_chem_comp.formula
FMN non-polymer 'FLAVIN MONONUCLEOTIDE' 'C17 H21 N4 O9 P'
OLA non-polymer 'OLEIC ACID' 'C18 H34 O2'
OLC non-polymer '(2R)-2,3-dihydroxypropyl (9Z)-octadec-9-enoate' 'C21 H40 O4'
PEG non-polymer DI(HYDROXYETHYL)ETHER 'C4 H10 O3'
ZDG non-polymer '4-[4-[2-(2,4-dichlorophenyl)-4-methyl-5-(piperidin-1-ylcarbamoyl)pyrazol-3-yl]phenyl]but-3-ynyl nitrate' 'C26 H25 Cl2 N5 O4'
#
# COMPACT_ATOMS: atom_id res chain seq x y z
N GLY A 2 -7.24 40.70 17.65
CA GLY A 2 -7.97 40.95 16.43
C GLY A 2 -9.47 41.07 16.69
N GLY A 3 -10.20 41.83 15.87
CA GLY A 3 -9.75 42.41 14.61
C GLY A 3 -10.48 41.73 13.48
N ARG A 4 -9.77 41.49 12.36
CA ARG A 4 -10.29 40.59 11.34
C ARG A 4 -10.40 39.16 11.87
N GLY A 5 -9.67 38.84 12.94
CA GLY A 5 -9.70 37.52 13.53
C GLY A 5 -8.54 36.65 13.10
N GLU A 6 -7.90 36.00 14.07
CA GLU A 6 -6.91 34.97 13.80
C GLU A 6 -7.68 33.65 13.73
N ASN A 7 -7.92 33.16 12.51
CA ASN A 7 -8.84 32.06 12.29
C ASN A 7 -8.17 30.94 11.51
N PHE A 8 -8.55 29.71 11.84
CA PHE A 8 -8.02 28.54 11.15
C PHE A 8 -8.51 28.52 9.70
N MET A 9 -7.60 28.19 8.79
CA MET A 9 -7.86 28.18 7.35
C MET A 9 -8.05 29.59 6.79
N ASP A 10 -7.51 30.61 7.45
CA ASP A 10 -7.54 31.98 6.93
C ASP A 10 -6.16 32.29 6.38
N ILE A 11 -5.92 31.85 5.14
CA ILE A 11 -4.61 31.94 4.53
C ILE A 11 -4.55 33.20 3.67
N GLU A 12 -3.41 33.42 3.01
CA GLU A 12 -3.17 34.65 2.26
C GLU A 12 -3.98 34.72 0.97
N CYS A 13 -4.43 33.58 0.45
CA CYS A 13 -5.39 33.51 -0.66
C CYS A 13 -5.12 34.54 -1.75
N PHE A 14 -3.98 34.39 -2.43
CA PHE A 14 -3.72 35.16 -3.63
C PHE A 14 -4.62 34.62 -4.75
N MET A 15 -5.48 35.48 -5.31
CA MET A 15 -6.56 35.05 -6.19
C MET A 15 -6.25 35.43 -7.63
N VAL A 16 -6.01 34.44 -8.48
CA VAL A 16 -5.90 34.70 -9.92
C VAL A 16 -7.29 34.95 -10.51
N LEU A 17 -8.29 34.16 -10.10
CA LEU A 17 -9.63 34.27 -10.66
C LEU A 17 -10.66 34.22 -9.54
N ASN A 18 -11.74 34.97 -9.71
CA ASN A 18 -12.87 34.96 -8.79
C ASN A 18 -14.15 35.20 -9.60
N PRO A 19 -15.31 34.79 -9.08
CA PRO A 19 -15.58 34.01 -7.86
C PRO A 19 -15.72 32.52 -8.17
N SER A 20 -15.57 32.15 -9.44
CA SER A 20 -15.61 30.74 -9.81
C SER A 20 -14.65 29.93 -8.95
N GLN A 21 -13.40 30.40 -8.84
CA GLN A 21 -12.45 29.78 -7.92
C GLN A 21 -13.07 29.68 -6.53
N GLN A 22 -13.49 30.82 -5.97
CA GLN A 22 -14.05 30.81 -4.63
C GLN A 22 -15.22 29.85 -4.54
N LEU A 23 -16.12 29.86 -5.53
CA LEU A 23 -17.27 28.97 -5.50
C LEU A 23 -16.85 27.53 -5.80
N ALA A 24 -16.13 27.31 -6.90
CA ALA A 24 -15.83 25.95 -7.34
C ALA A 24 -14.82 25.28 -6.42
N ILE A 25 -13.79 26.00 -5.98
CA ILE A 25 -12.83 25.41 -5.04
C ILE A 25 -13.53 25.08 -3.73
N ALA A 26 -14.49 25.91 -3.32
CA ALA A 26 -15.17 25.68 -2.05
C ALA A 26 -15.95 24.39 -2.07
N VAL A 27 -16.81 24.22 -3.08
CA VAL A 27 -17.57 22.97 -3.21
C VAL A 27 -16.63 21.80 -3.42
N LEU A 28 -15.62 21.98 -4.28
CA LEU A 28 -14.66 20.91 -4.54
C LEU A 28 -13.97 20.47 -3.25
N SER A 29 -13.41 21.42 -2.51
CA SER A 29 -12.66 21.07 -1.31
C SER A 29 -13.57 20.48 -0.24
N LEU A 30 -14.79 21.02 -0.10
CA LEU A 30 -15.72 20.47 0.88
C LEU A 30 -16.12 19.05 0.51
N THR A 31 -16.39 18.79 -0.77
CA THR A 31 -16.75 17.45 -1.20
C THR A 31 -15.61 16.47 -0.99
N LEU A 32 -14.38 16.89 -1.31
CA LEU A 32 -13.22 16.04 -1.05
C LEU A 32 -13.11 15.70 0.42
N GLY A 33 -13.33 16.69 1.30
CA GLY A 33 -13.21 16.44 2.72
C GLY A 33 -14.24 15.46 3.24
N THR A 34 -15.51 15.68 2.88
CA THR A 34 -16.58 14.80 3.37
C THR A 34 -16.43 13.39 2.80
N PHE A 35 -15.89 13.26 1.59
CA PHE A 35 -15.62 11.94 1.04
C PHE A 35 -14.61 11.20 1.92
N THR A 36 -13.58 11.91 2.38
CA THR A 36 -12.55 11.30 3.22
C THR A 36 -13.14 10.82 4.55
N VAL A 37 -13.93 11.69 5.19
CA VAL A 37 -14.51 11.34 6.48
C VAL A 37 -15.34 10.06 6.36
N LEU A 38 -16.11 9.94 5.28
CA LEU A 38 -16.96 8.76 5.11
C LEU A 38 -16.13 7.53 4.77
N GLU A 39 -15.14 7.67 3.89
CA GLU A 39 -14.38 6.50 3.47
C GLU A 39 -13.45 6.01 4.59
N ASN A 40 -12.96 6.91 5.43
CA ASN A 40 -12.21 6.48 6.61
C ASN A 40 -13.15 5.99 7.71
N LEU A 41 -14.37 6.52 7.76
CA LEU A 41 -15.39 5.95 8.63
C LEU A 41 -15.77 4.56 8.16
N LEU A 42 -15.71 4.32 6.84
CA LEU A 42 -16.01 2.99 6.31
C LEU A 42 -14.94 1.98 6.73
N VAL A 43 -13.68 2.39 6.72
CA VAL A 43 -12.60 1.50 7.18
C VAL A 43 -12.78 1.18 8.65
N LEU A 44 -13.07 2.20 9.46
CA LEU A 44 -13.32 1.98 10.88
C LEU A 44 -14.46 1.01 11.11
N CYS A 45 -15.42 0.96 10.19
CA CYS A 45 -16.61 0.14 10.40
C CYS A 45 -16.30 -1.34 10.21
N VAL A 46 -15.72 -1.70 9.06
CA VAL A 46 -15.49 -3.10 8.73
C VAL A 46 -14.57 -3.76 9.74
N ILE A 47 -13.67 -2.98 10.36
CA ILE A 47 -12.75 -3.56 11.34
C ILE A 47 -13.48 -3.87 12.64
N LEU A 48 -14.13 -2.86 13.23
CA LEU A 48 -14.89 -3.09 14.45
C LEU A 48 -16.04 -4.05 14.21
N HIS A 49 -16.57 -4.09 12.99
CA HIS A 49 -17.71 -4.97 12.69
C HIS A 49 -17.32 -6.45 12.78
N SER A 50 -16.20 -6.82 12.18
CA SER A 50 -15.82 -8.22 12.06
C SER A 50 -14.78 -8.58 13.11
N ARG A 51 -14.95 -9.77 13.70
CA ARG A 51 -14.07 -10.24 14.76
C ARG A 51 -12.80 -10.86 14.21
N SER A 52 -12.85 -11.38 12.98
CA SER A 52 -11.66 -11.95 12.35
C SER A 52 -10.57 -10.91 12.12
N LEU A 53 -10.87 -9.63 12.27
CA LEU A 53 -9.90 -8.56 12.05
C LEU A 53 -9.52 -7.80 13.31
N ARG A 54 -10.48 -7.56 14.21
CA ARG A 54 -10.17 -6.86 15.45
C ARG A 54 -9.40 -7.73 16.44
N CYS A 55 -9.14 -9.00 16.10
CA CYS A 55 -8.23 -9.84 16.87
C CYS A 55 -6.84 -9.89 16.25
N ARG A 56 -6.68 -9.41 15.01
CA ARG A 56 -5.38 -9.38 14.35
C ARG A 56 -4.59 -8.16 14.84
N PRO A 57 -3.30 -8.30 15.14
CA PRO A 57 -2.50 -7.12 15.47
C PRO A 57 -2.21 -6.23 14.28
N SER A 58 -2.32 -6.76 13.06
CA SER A 58 -2.05 -5.96 11.87
C SER A 58 -3.17 -4.96 11.59
N TYR A 59 -4.39 -5.25 12.02
CA TYR A 59 -5.51 -4.34 11.83
C TYR A 59 -5.67 -3.35 12.99
N HIS A 60 -4.97 -3.56 14.10
CA HIS A 60 -4.78 -2.47 15.06
C HIS A 60 -3.87 -1.38 14.50
N PHE A 61 -3.15 -1.68 13.42
CA PHE A 61 -2.32 -0.70 12.73
C PHE A 61 -3.11 0.06 11.67
N ILE A 62 -3.93 -0.62 10.88
CA ILE A 62 -4.77 0.06 9.90
C ILE A 62 -5.82 0.91 10.61
N GLY A 63 -6.53 0.31 11.56
CA GLY A 63 -7.55 1.06 12.29
C GLY A 63 -6.99 2.31 12.95
N SER A 64 -5.77 2.20 13.50
CA SER A 64 -5.10 3.38 14.06
C SER A 64 -4.87 4.44 13.00
N LEU A 65 -4.36 4.04 11.83
CA LEU A 65 -4.16 5.00 10.76
C LEU A 65 -5.48 5.60 10.29
N ALA A 66 -6.51 4.77 10.15
CA ALA A 66 -7.77 5.27 9.60
C ALA A 66 -8.48 6.20 10.57
N VAL A 67 -8.35 5.98 11.87
CA VAL A 67 -8.91 6.92 12.83
C VAL A 67 -8.05 8.17 12.95
N ALA A 68 -6.76 8.06 12.64
CA ALA A 68 -5.93 9.25 12.52
C ALA A 68 -6.29 10.05 11.28
N ASP A 69 -6.44 9.36 10.14
CA ASP A 69 -6.89 10.04 8.93
C ASP A 69 -8.26 10.68 9.14
N LEU A 70 -9.14 10.01 9.91
CA LEU A 70 -10.48 10.53 10.13
C LEU A 70 -10.43 11.75 11.05
N LEU A 71 -9.63 11.69 12.11
CA LEU A 71 -9.53 12.82 13.04
C LEU A 71 -9.17 14.10 12.31
N GLY A 72 -8.29 14.00 11.31
CA GLY A 72 -7.89 15.16 10.54
C GLY A 72 -8.91 15.56 9.50
N SER A 73 -9.48 14.59 8.79
CA SER A 73 -10.48 14.90 7.77
C SER A 73 -11.75 15.47 8.39
N VAL A 74 -12.05 15.07 9.63
CA VAL A 74 -13.19 15.66 10.34
C VAL A 74 -12.91 17.12 10.70
N ILE A 75 -11.71 17.39 11.21
CA ILE A 75 -11.34 18.76 11.54
C ILE A 75 -11.32 19.62 10.29
N PHE A 76 -10.91 19.06 9.16
CA PHE A 76 -10.90 19.81 7.92
C PHE A 76 -12.30 20.28 7.57
N VAL A 77 -13.24 19.34 7.45
CA VAL A 77 -14.59 19.68 7.05
C VAL A 77 -15.23 20.61 8.08
N TYR A 78 -14.98 20.36 9.36
CA TYR A 78 -15.56 21.20 10.40
C TYR A 78 -15.06 22.64 10.27
N SER A 79 -13.74 22.83 10.24
CA SER A 79 -13.18 24.17 10.14
C SER A 79 -13.45 24.81 8.79
N PHE A 80 -13.68 24.02 7.74
CA PHE A 80 -13.99 24.59 6.44
C PHE A 80 -15.41 25.12 6.41
N ILE A 81 -16.38 24.37 6.94
CA ILE A 81 -17.75 24.83 6.99
C ILE A 81 -17.97 25.84 8.10
N ASP A 82 -17.10 25.86 9.11
CA ASP A 82 -17.24 26.80 10.21
C ASP A 82 -16.70 28.19 9.87
N PHE A 83 -15.90 28.31 8.82
CA PHE A 83 -15.28 29.59 8.45
C PHE A 83 -15.62 30.03 7.05
N HIS A 84 -15.64 29.14 6.07
CA HIS A 84 -15.95 29.51 4.69
C HIS A 84 -17.45 29.58 4.42
N VAL A 85 -18.28 29.14 5.37
CA VAL A 85 -19.73 29.20 5.22
C VAL A 85 -20.33 30.15 6.27
N PHE A 86 -19.98 29.95 7.54
CA PHE A 86 -20.53 30.78 8.61
C PHE A 86 -19.64 31.96 8.98
N HIS A 87 -18.38 31.96 8.55
CA HIS A 87 -17.46 33.06 8.81
C HIS A 87 -17.36 33.37 10.30
N ARG A 88 -17.46 32.35 11.13
CA ARG A 88 -17.33 32.53 12.57
C ARG A 88 -15.86 32.75 12.94
N LYS A 89 -15.66 33.32 14.12
CA LYS A 89 -14.32 33.67 14.59
C LYS A 89 -13.80 32.63 15.56
N ASP A 90 -12.48 32.46 15.55
CA ASP A 90 -11.79 31.51 16.42
C ASP A 90 -11.07 32.27 17.53
N SER A 91 -11.32 31.86 18.76
CA SER A 91 -10.55 32.39 19.89
C SER A 91 -9.14 31.79 19.87
N ARG A 92 -8.42 31.86 21.00
CA ARG A 92 -7.11 31.24 21.07
C ARG A 92 -7.23 29.73 21.24
N ASN A 93 -8.10 29.29 22.16
CA ASN A 93 -8.21 27.86 22.45
C ASN A 93 -8.91 27.12 21.32
N VAL A 94 -9.99 27.69 20.78
CA VAL A 94 -10.69 27.03 19.68
C VAL A 94 -9.78 26.87 18.47
N PHE A 95 -8.86 27.82 18.26
CA PHE A 95 -7.94 27.73 17.15
C PHE A 95 -6.93 26.60 17.37
N LEU A 96 -6.28 26.60 18.53
CA LEU A 96 -5.25 25.59 18.81
C LEU A 96 -5.83 24.19 18.87
N PHE A 97 -7.07 24.04 19.32
CA PHE A 97 -7.72 22.73 19.33
C PHE A 97 -7.84 22.19 17.91
N LYS A 98 -8.31 23.02 16.98
CA LYS A 98 -8.36 22.61 15.58
C LYS A 98 -6.97 22.24 15.07
N LEU A 99 -6.01 23.13 15.26
CA LEU A 99 -4.65 22.87 14.78
C LEU A 99 -4.04 21.66 15.49
N GLY A 100 -4.26 21.55 16.80
CA GLY A 100 -3.75 20.41 17.52
C GLY A 100 -4.34 19.09 17.03
N GLY A 101 -5.63 19.09 16.69
CA GLY A 101 -6.23 17.90 16.12
C GLY A 101 -5.52 17.45 14.86
N VAL A 102 -5.27 18.39 13.94
CA VAL A 102 -4.51 18.06 12.74
C VAL A 102 -3.10 17.62 13.10
N THR A 103 -2.48 18.32 14.05
CA THR A 103 -1.15 17.92 14.50
C THR A 103 -1.18 16.52 15.11
N ALA A 104 -2.22 16.21 15.88
CA ALA A 104 -2.34 14.89 16.47
C ALA A 104 -2.55 13.83 15.39
N SER A 105 -3.31 14.16 14.35
CA SER A 105 -3.58 13.19 13.28
C SER A 105 -2.28 12.73 12.63
N PHE A 106 -1.37 13.66 12.34
CA PHE A 106 -0.11 13.30 11.72
C PHE A 106 0.81 12.62 12.72
N THR A 107 0.79 13.06 13.97
CA THR A 107 1.64 12.46 14.99
C THR A 107 1.32 10.97 15.15
N ALA A 108 0.03 10.66 15.34
CA ALA A 108 -0.37 9.27 15.46
C ALA A 108 -0.05 8.48 14.19
N SER A 109 -0.16 9.12 13.04
CA SER A 109 0.20 8.46 11.79
C SER A 109 1.67 8.04 11.80
N VAL A 110 2.56 8.96 12.16
CA VAL A 110 3.97 8.61 12.27
C VAL A 110 4.17 7.62 13.42
N GLY A 111 3.47 7.83 14.53
CA GLY A 111 3.58 6.90 15.65
C GLY A 111 3.12 5.49 15.29
N SER A 112 2.14 5.39 14.38
CA SER A 112 1.69 4.06 13.94
C SER A 112 2.72 3.40 13.05
N LEU A 113 3.34 4.16 12.13
CA LEU A 113 4.39 3.60 11.30
C LEU A 113 5.59 3.19 12.14
N PHE A 114 5.79 3.85 13.29
CA PHE A 114 6.87 3.46 14.18
C PHE A 114 6.58 2.11 14.83
N LEU A 115 5.36 1.92 15.35
CA LEU A 115 5.00 0.64 15.95
C LEU A 115 5.03 -0.48 14.93
N ALA A 116 4.66 -0.19 13.68
CA ALA A 116 4.73 -1.21 12.64
C ALA A 116 6.17 -1.65 12.41
N ALA A 117 7.11 -0.70 12.40
CA ALA A 117 8.51 -1.08 12.26
C ALA A 117 8.94 -2.03 13.36
N ILE A 118 8.49 -1.77 14.59
CA ILE A 118 8.84 -2.64 15.71
C ILE A 118 8.29 -4.05 15.49
N ASP A 119 7.04 -4.14 15.05
CA ASP A 119 6.45 -5.44 14.78
C ASP A 119 7.26 -6.21 13.74
N ARG A 120 7.69 -5.52 12.70
CA ARG A 120 8.49 -6.17 11.67
C ARG A 120 9.88 -6.54 12.19
N TYR A 121 10.44 -5.72 13.08
CA TYR A 121 11.72 -6.06 13.68
C TYR A 121 11.61 -7.33 14.52
N ILE A 122 10.49 -7.51 15.22
CA ILE A 122 10.28 -8.74 15.99
C ILE A 122 10.09 -9.93 15.05
N SER A 123 9.35 -9.73 13.95
CA SER A 123 9.17 -10.80 12.97
C SER A 123 10.50 -11.24 12.38
N ILE A 124 11.39 -10.29 12.14
CA ILE A 124 12.68 -10.61 11.53
C ILE A 124 13.58 -11.33 12.55
N HIS A 125 13.72 -10.75 13.74
CA HIS A 125 14.66 -11.27 14.73
C HIS A 125 14.14 -12.49 15.47
N ARG A 126 12.82 -12.60 15.66
CA ARG A 126 12.22 -13.70 16.40
C ARG A 126 11.13 -14.36 15.56
N PRO A 127 11.48 -14.86 14.37
CA PRO A 127 10.45 -15.47 13.53
C PRO A 127 9.70 -16.62 14.20
N LEU A 128 10.39 -17.40 15.03
CA LEU A 128 9.74 -18.58 15.60
C LEU A 128 8.67 -18.22 16.61
N ALA A 129 8.98 -17.30 17.52
CA ALA A 129 8.07 -16.94 18.60
C ALA A 129 7.33 -15.63 18.34
N TYR A 130 7.35 -15.13 17.11
CA TYR A 130 6.72 -13.85 16.82
C TYR A 130 5.24 -13.85 17.18
N LYS A 131 4.53 -14.93 16.85
CA LYS A 131 3.08 -14.97 17.05
C LYS A 131 2.73 -14.82 18.53
N ARG A 132 3.54 -15.38 19.42
CA ARG A 132 3.26 -15.29 20.85
C ARG A 132 3.80 -14.03 21.50
N ILE A 133 4.69 -13.29 20.83
CA ILE A 133 5.21 -12.04 21.38
C ILE A 133 4.27 -10.88 21.09
N VAL A 134 3.93 -10.69 19.82
CA VAL A 134 3.05 -9.59 19.39
C VAL A 134 1.63 -10.15 19.40
N THR A 135 0.89 -9.85 20.45
CA THR A 135 -0.46 -10.35 20.65
C THR A 135 -1.45 -9.19 20.64
N ARG A 136 -2.74 -9.55 20.67
CA ARG A 136 -3.79 -8.54 20.68
C ARG A 136 -3.72 -7.65 21.92
N PRO A 137 -3.53 -8.17 23.14
CA PRO A 137 -3.38 -7.27 24.27
C PRO A 137 -2.10 -6.46 24.22
N LYS A 138 -1.01 -7.01 23.68
CA LYS A 138 0.21 -6.24 23.54
C LYS A 138 0.04 -5.09 22.56
N ALA A 139 -0.63 -5.35 21.43
CA ALA A 139 -0.77 -4.33 20.40
C ALA A 139 -1.66 -3.19 20.87
N VAL A 140 -2.72 -3.51 21.62
CA VAL A 140 -3.62 -2.46 22.11
C VAL A 140 -2.87 -1.53 23.05
N VAL A 141 -2.06 -2.08 23.95
CA VAL A 141 -1.32 -1.26 24.90
C VAL A 141 -0.35 -0.35 24.16
N ALA A 142 0.35 -0.89 23.16
CA ALA A 142 1.33 -0.08 22.43
C ALA A 142 0.65 1.08 21.70
N PHE A 143 -0.50 0.82 21.09
CA PHE A 143 -1.18 1.87 20.34
C PHE A 143 -1.86 2.88 21.26
N CYS A 144 -2.45 2.41 22.37
CA CYS A 144 -3.05 3.33 23.32
C CYS A 144 -2.00 4.27 23.89
N LEU A 145 -0.84 3.73 24.28
CA LEU A 145 0.25 4.58 24.74
C LEU A 145 0.65 5.57 23.67
N MET A 146 0.81 5.09 22.44
CA MET A 146 1.32 5.94 21.37
C MET A 146 0.39 7.11 21.10
N TRP A 147 -0.92 6.88 21.18
CA TRP A 147 -1.87 7.95 20.93
C TRP A 147 -1.85 8.99 22.04
N THR A 148 -1.72 8.55 23.29
CA THR A 148 -1.63 9.50 24.39
C THR A 148 -0.38 10.35 24.27
N ILE A 149 0.73 9.76 23.80
CA ILE A 149 1.92 10.56 23.53
C ILE A 149 1.66 11.49 22.35
N ALA A 150 0.94 11.00 21.33
CA ALA A 150 0.61 11.84 20.18
C ALA A 150 -0.33 12.96 20.58
N ILE A 151 -1.37 12.65 21.35
CA ILE A 151 -2.31 13.68 21.78
C ILE A 151 -1.61 14.72 22.65
N VAL A 152 -0.72 14.28 23.53
CA VAL A 152 -0.09 15.20 24.46
C VAL A 152 0.61 16.33 23.72
N ILE A 153 1.22 16.03 22.58
CA ILE A 153 1.98 17.06 21.87
C ILE A 153 1.04 18.11 21.31
N ALA A 154 -0.11 17.70 20.79
CA ALA A 154 -1.09 18.66 20.31
C ALA A 154 -1.55 19.56 21.44
N VAL A 155 -1.84 18.98 22.61
CA VAL A 155 -2.39 19.74 23.71
C VAL A 155 -1.34 20.67 24.32
N LEU A 156 -0.05 20.29 24.27
CA LEU A 156 1.02 21.11 24.82
C LEU A 156 0.89 22.54 24.29
N PRO A 157 1.04 22.79 22.99
CA PRO A 157 0.67 24.12 22.49
C PRO A 157 -0.64 24.67 22.99
N LEU A 158 -1.74 23.92 22.84
CA LEU A 158 -2.99 24.43 23.41
C LEU A 158 -2.80 24.83 24.85
N LEU A 159 -2.07 24.03 25.62
CA LEU A 159 -2.04 24.22 27.06
C LEU A 159 -1.05 25.31 27.49
N GLY A 160 0.19 25.27 27.01
CA GLY A 160 1.22 26.16 27.54
C GLY A 160 2.01 26.95 26.52
N TRP A 161 2.77 26.24 25.67
CA TRP A 161 3.55 26.87 24.61
C TRP A 161 2.68 27.81 23.79
N ASN A 162 3.07 29.08 23.68
CA ASN A 162 2.24 30.05 22.97
C ASN A 162 3.03 31.30 22.63
N CYS A 163 2.49 32.09 21.69
CA CYS A 163 2.90 33.48 21.57
C CYS A 163 2.32 34.30 22.71
N GLU A 164 1.02 34.18 22.94
CA GLU A 164 0.36 35.01 23.95
C GLU A 164 0.88 34.70 25.34
N LYS A 165 0.91 33.43 25.72
CA LYS A 165 1.23 33.07 27.09
C LYS A 165 2.73 33.24 27.39
N LEU A 166 3.58 33.03 26.39
CA LEU A 166 5.02 33.12 26.59
C LEU A 166 5.63 34.41 26.06
N GLN A 167 4.87 35.21 25.32
CA GLN A 167 5.39 36.42 24.68
C GLN A 167 6.61 36.08 23.81
N SER A 168 6.59 34.89 23.22
CA SER A 168 7.69 34.39 22.42
C SER A 168 7.54 34.82 20.96
N VAL A 169 8.55 34.50 20.15
CA VAL A 169 8.49 34.77 18.73
C VAL A 169 7.38 33.95 18.11
N CYS A 170 6.53 34.60 17.32
CA CYS A 170 5.42 33.91 16.69
C CYS A 170 5.88 33.22 15.41
N SER A 171 5.03 32.33 14.91
CA SER A 171 5.28 31.64 13.65
C SER A 171 4.65 32.44 12.52
N ASP A 172 5.39 32.62 11.43
CA ASP A 172 4.89 33.38 10.29
C ASP A 172 3.77 32.66 9.55
N ILE A 173 3.52 31.39 9.87
CA ILE A 173 2.47 30.62 9.19
C ILE A 173 1.24 30.54 10.07
N PHE A 174 1.40 30.01 11.28
CA PHE A 174 0.26 29.73 12.15
C PHE A 174 0.13 30.78 13.24
N PRO A 175 -1.05 31.35 13.46
CA PRO A 175 -1.24 32.23 14.61
C PRO A 175 -1.12 31.47 15.93
N HIS A 176 -0.72 32.20 16.97
CA HIS A 176 -0.64 31.73 18.35
C HIS A 176 0.44 30.69 18.59
N ILE A 177 1.19 30.29 17.57
CA ILE A 177 2.10 29.15 17.66
C ILE A 177 3.50 29.62 17.99
N ASP A 178 4.13 28.96 18.97
CA ASP A 178 5.48 29.29 19.38
C ASP A 178 6.49 28.66 18.42
N LYS A 179 7.50 29.45 18.06
CA LYS A 179 8.52 28.97 17.13
C LYS A 179 9.31 27.82 17.73
N THR A 180 9.67 27.92 19.01
CA THR A 180 10.47 26.87 19.63
C THR A 180 9.67 25.60 19.84
N TYR A 181 8.34 25.68 19.92
CA TYR A 181 7.56 24.45 19.96
C TYR A 181 7.66 23.69 18.64
N LEU A 182 7.69 24.41 17.51
CA LEU A 182 7.79 23.72 16.23
C LEU A 182 9.11 22.99 16.09
N MET A 183 10.22 23.62 16.51
CA MET A 183 11.49 22.91 16.51
C MET A 183 11.36 21.56 17.19
N PHE A 184 10.82 21.56 18.41
CA PHE A 184 10.58 20.32 19.14
C PHE A 184 9.69 19.38 18.33
N TRP A 185 8.57 19.89 17.81
CA TRP A 185 7.67 19.06 17.02
C TRP A 185 8.35 18.55 15.76
N ILE A 186 8.97 19.44 14.99
CA ILE A 186 9.61 19.04 13.74
C ILE A 186 10.71 18.02 14.01
N GLY A 187 11.55 18.29 15.01
CA GLY A 187 12.65 17.39 15.31
C GLY A 187 12.17 16.01 15.70
N VAL A 188 11.07 15.93 16.46
CA VAL A 188 10.57 14.64 16.92
C VAL A 188 10.10 13.80 15.74
N VAL A 189 9.29 14.40 14.84
CA VAL A 189 8.77 13.62 13.72
C VAL A 189 9.85 13.39 12.67
N SER A 190 10.80 14.33 12.53
CA SER A 190 11.89 14.13 11.58
C SER A 190 12.77 12.96 11.99
N VAL A 191 13.12 12.86 13.27
CA VAL A 191 13.91 11.73 13.76
C VAL A 191 13.14 10.44 13.53
N LEU A 192 11.87 10.42 13.94
CA LEU A 192 11.06 9.21 13.79
C LEU A 192 10.97 8.79 12.33
N LEU A 193 10.72 9.75 11.43
CA LEU A 193 10.61 9.42 10.02
C LEU A 193 11.94 8.94 9.45
N LEU A 194 13.04 9.58 9.84
CA LEU A 194 14.35 9.12 9.39
C LEU A 194 14.59 7.67 9.79
N PHE A 195 14.19 7.30 11.01
CA PHE A 195 14.32 5.92 11.43
C PHE A 195 13.36 5.01 10.64
N ILE A 196 12.11 5.45 10.48
CA ILE A 196 11.13 4.61 9.78
C ILE A 196 11.58 4.34 8.36
N VAL A 197 12.14 5.36 7.69
CA VAL A 197 12.62 5.17 6.33
C VAL A 197 13.71 4.10 6.31
N TYR A 198 14.70 4.24 7.21
CA TYR A 198 15.74 3.22 7.31
C TYR A 198 15.16 1.86 7.62
N ALA A 199 14.26 1.80 8.60
CA ALA A 199 13.70 0.53 9.03
C ALA A 199 12.93 -0.15 7.90
N TYR A 200 12.07 0.60 7.23
CA TYR A 200 11.25 0.01 6.17
C TYR A 200 12.10 -0.52 5.02
N MET A 201 13.24 0.10 4.75
CA MET A 201 14.16 -0.45 3.76
C MET A 201 14.77 -1.76 4.25
N TYR A 202 15.22 -1.78 5.51
CA TYR A 202 15.78 -3.01 6.08
C TYR A 202 14.73 -4.11 6.12
N ILE A 203 13.50 -3.77 6.51
CA ILE A 203 12.41 -4.74 6.56
C ILE A 203 12.19 -5.36 5.18
N LEU A 204 12.08 -4.51 4.16
CA LEU A 204 11.85 -4.99 2.81
C LEU A 204 13.05 -5.81 2.30
N TRP A 205 14.27 -5.38 2.65
CA TRP A 205 15.45 -6.13 2.23
C TRP A 205 15.51 -7.49 2.90
N LYS A 206 15.18 -7.55 4.20
CA LYS A 206 15.14 -8.85 4.88
C LYS A 206 14.01 -9.72 4.36
N ALA A 207 12.94 -9.11 3.86
CA ALA A 207 11.83 -9.90 3.32
C ALA A 207 12.21 -10.57 2.01
N HIS A 208 13.18 -10.02 1.28
CA HIS A 208 13.63 -10.64 0.04
C HIS A 208 14.82 -11.58 0.24
N SER A 209 15.39 -11.63 1.45
CA SER A 209 16.54 -12.48 1.67
C SER A 209 16.17 -13.96 1.60
N HIS A 210 15.02 -14.33 2.16
CA HIS A 210 14.56 -15.70 2.09
C HIS A 210 13.98 -16.00 0.71
N ALA A 211 12.98 -15.22 0.31
CA ALA A 211 12.31 -15.43 -0.97
C ALA A 211 11.88 -14.08 -1.52
N VAL A 212 11.90 -13.98 -2.84
CA VAL A 212 11.09 -12.99 -3.53
C VAL A 212 9.76 -13.65 -3.87
N ALA A 213 8.73 -12.84 -4.09
CA ALA A 213 7.42 -13.41 -4.38
C ALA A 213 6.97 -13.03 -5.78
N LYS A 214 7.75 -13.40 -6.78
CA LYS A 214 7.48 -13.05 -8.17
C LYS A 214 7.25 -14.31 -9.00
N ALA A 215 6.10 -14.37 -9.67
CA ALA A 215 5.80 -15.48 -10.55
C ALA A 215 5.90 -15.02 -12.00
N LEU A 216 6.44 -15.90 -12.84
CA LEU A 216 6.52 -15.64 -14.28
C LEU A 216 5.64 -16.65 -14.99
N ILE A 217 4.87 -16.17 -15.96
CA ILE A 217 4.02 -17.02 -16.77
C ILE A 217 4.32 -16.72 -18.24
N VAL A 218 4.76 -17.74 -18.97
CA VAL A 218 5.06 -17.65 -20.39
C VAL A 218 4.13 -18.62 -21.10
N TYR A 219 3.33 -18.12 -22.04
CA TYR A 219 2.34 -18.92 -22.72
C TYR A 219 2.53 -18.82 -24.23
N GLY A 220 2.21 -19.92 -24.91
CA GLY A 220 2.13 -19.92 -26.36
C GLY A 220 0.73 -20.34 -26.78
N SER A 221 0.03 -19.46 -27.51
CA SER A 221 -1.36 -19.70 -27.85
C SER A 221 -1.68 -19.02 -29.17
N THR A 222 -2.36 -19.73 -30.07
CA THR A 222 -2.83 -19.14 -31.32
C THR A 222 -4.29 -18.70 -31.23
N THR A 223 -5.17 -19.60 -30.80
CA THR A 223 -6.59 -19.26 -30.69
C THR A 223 -6.88 -18.45 -29.44
N GLY A 224 -6.10 -18.66 -28.37
CA GLY A 224 -6.32 -17.96 -27.12
C GLY A 224 -6.70 -18.85 -25.97
N ASN A 225 -6.83 -20.16 -26.18
CA ASN A 225 -7.24 -21.05 -25.09
C ASN A 225 -6.18 -21.09 -24.00
N THR A 226 -4.91 -21.19 -24.39
CA THR A 226 -3.85 -21.19 -23.40
C THR A 226 -3.60 -19.78 -22.84
N GLU A 227 -3.92 -18.73 -23.61
CA GLU A 227 -3.85 -17.38 -23.06
C GLU A 227 -4.91 -17.18 -21.98
N TYR A 228 -6.13 -17.63 -22.25
CA TYR A 228 -7.19 -17.54 -21.24
C TYR A 228 -6.83 -18.37 -20.02
N THR A 229 -6.23 -19.54 -20.22
CA THR A 229 -5.81 -20.38 -19.10
C THR A 229 -4.76 -19.68 -18.26
N ALA A 230 -3.78 -19.04 -18.91
CA ALA A 230 -2.73 -18.35 -18.16
C ALA A 230 -3.29 -17.13 -17.44
N GLU A 231 -4.18 -16.38 -18.08
CA GLU A 231 -4.77 -15.22 -17.41
C GLU A 231 -5.60 -15.63 -16.20
N THR A 232 -6.24 -16.81 -16.27
CA THR A 232 -6.99 -17.30 -15.12
C THR A 232 -6.06 -17.65 -13.97
N ILE A 233 -4.98 -18.37 -14.27
CA ILE A 233 -3.97 -18.70 -13.27
C ILE A 233 -3.33 -17.43 -12.74
N ALA A 234 -3.23 -16.39 -13.58
CA ALA A 234 -2.55 -15.16 -13.18
C ALA A 234 -3.30 -14.46 -12.05
N ARG A 235 -4.63 -14.45 -12.11
CA ARG A 235 -5.39 -13.72 -11.09
C ARG A 235 -5.47 -14.48 -9.78
N GLU A 236 -5.47 -15.81 -9.81
CA GLU A 236 -5.47 -16.58 -8.58
C GLU A 236 -4.16 -16.40 -7.81
N LEU A 237 -3.04 -16.33 -8.53
CA LEU A 237 -1.77 -16.07 -7.87
C LEU A 237 -1.63 -14.61 -7.46
N ALA A 238 -2.22 -13.69 -8.23
CA ALA A 238 -2.19 -12.29 -7.85
C ALA A 238 -2.92 -12.05 -6.54
N ASP A 239 -4.07 -12.71 -6.35
CA ASP A 239 -4.77 -12.61 -5.07
C ASP A 239 -3.96 -13.22 -3.93
N ALA A 240 -3.25 -14.31 -4.20
CA ALA A 240 -2.56 -15.07 -3.17
C ALA A 240 -1.21 -14.49 -2.79
N GLY A 241 -0.87 -13.29 -3.27
CA GLY A 241 0.30 -12.59 -2.80
C GLY A 241 1.53 -12.67 -3.68
N TYR A 242 1.40 -13.10 -4.92
CA TYR A 242 2.52 -13.13 -5.86
C TYR A 242 2.51 -11.87 -6.71
N GLU A 243 3.70 -11.36 -7.00
CA GLU A 243 3.87 -10.31 -8.01
C GLU A 243 3.95 -11.01 -9.36
N VAL A 244 2.82 -11.08 -10.07
CA VAL A 244 2.66 -11.94 -11.24
C VAL A 244 3.06 -11.16 -12.49
N ASP A 245 3.91 -11.77 -13.32
CA ASP A 245 4.36 -11.21 -14.58
C ASP A 245 4.01 -12.18 -15.70
N SER A 246 3.08 -11.80 -16.56
CA SER A 246 2.54 -12.68 -17.59
C SER A 246 2.99 -12.18 -18.95
N ARG A 247 3.65 -13.04 -19.73
CA ARG A 247 4.24 -12.64 -20.99
C ARG A 247 3.95 -13.68 -22.07
N ASP A 248 3.68 -13.20 -23.28
CA ASP A 248 3.57 -14.09 -24.43
C ASP A 248 4.95 -14.63 -24.81
N ALA A 249 5.00 -15.89 -25.25
CA ALA A 249 6.28 -16.51 -25.59
C ALA A 249 6.94 -15.79 -26.77
N ALA A 250 6.15 -15.19 -27.66
CA ALA A 250 6.69 -14.54 -28.84
C ALA A 250 7.48 -13.28 -28.52
N SER A 251 7.41 -12.79 -27.28
CA SER A 251 7.98 -11.51 -26.92
C SER A 251 9.13 -11.62 -25.91
N VAL A 252 9.64 -12.82 -25.67
CA VAL A 252 10.66 -13.03 -24.64
C VAL A 252 11.93 -13.55 -25.30
N GLU A 253 13.05 -13.32 -24.62
CA GLU A 253 14.33 -13.90 -24.96
C GLU A 253 14.70 -14.93 -23.90
N ALA A 254 15.17 -16.10 -24.34
CA ALA A 254 15.38 -17.21 -23.42
C ALA A 254 16.48 -16.92 -22.40
N GLY A 255 17.56 -16.28 -22.84
CA GLY A 255 18.70 -16.04 -21.97
C GLY A 255 18.35 -15.34 -20.66
N GLY A 256 18.52 -16.05 -19.55
CA GLY A 256 18.28 -15.48 -18.24
C GLY A 256 16.83 -15.11 -17.99
N LEU A 257 15.90 -15.72 -18.72
CA LEU A 257 14.50 -15.33 -18.62
C LEU A 257 13.95 -15.54 -17.21
N PHE A 258 14.26 -16.67 -16.59
CA PHE A 258 13.67 -17.00 -15.30
C PHE A 258 14.35 -16.31 -14.13
N GLU A 259 15.39 -15.52 -14.35
CA GLU A 259 16.07 -14.85 -13.25
C GLU A 259 15.13 -13.86 -12.57
N GLY A 260 15.27 -13.74 -11.26
CA GLY A 260 14.44 -12.85 -10.47
C GLY A 260 13.10 -13.43 -10.06
N PHE A 261 12.66 -14.51 -10.68
CA PHE A 261 11.42 -15.17 -10.32
C PHE A 261 11.72 -16.46 -9.58
N ASP A 262 10.93 -16.77 -8.56
CA ASP A 262 11.04 -18.04 -7.87
C ASP A 262 9.84 -18.94 -8.10
N LEU A 263 8.96 -18.55 -9.03
CA LEU A 263 7.94 -19.43 -9.57
C LEU A 263 7.79 -19.10 -11.05
N VAL A 264 7.85 -20.13 -11.90
CA VAL A 264 7.76 -19.97 -13.34
C VAL A 264 6.76 -20.98 -13.87
N LEU A 265 5.78 -20.51 -14.63
CA LEU A 265 4.73 -21.37 -15.17
C LEU A 265 4.76 -21.25 -16.69
N LEU A 266 5.10 -22.34 -17.35
CA LEU A 266 5.18 -22.38 -18.80
C LEU A 266 3.93 -23.05 -19.34
N GLY A 267 3.24 -22.39 -20.25
CA GLY A 267 2.04 -22.92 -20.86
C GLY A 267 2.20 -22.96 -22.36
N CYS A 268 1.73 -24.06 -22.96
CA CYS A 268 1.87 -24.22 -24.40
C CYS A 268 0.84 -25.22 -24.91
N SER A 269 0.24 -24.89 -26.06
CA SER A 269 -0.72 -25.76 -26.71
C SER A 269 0.00 -26.68 -27.70
N THR A 270 -0.64 -27.80 -28.01
CA THR A 270 -0.06 -28.82 -28.87
C THR A 270 -0.67 -28.74 -30.27
N TRP A 271 0.18 -28.86 -31.29
CA TRP A 271 -0.23 -28.68 -32.68
C TRP A 271 0.35 -29.79 -33.55
N GLY A 272 0.24 -31.03 -33.10
CA GLY A 272 0.73 -32.14 -33.89
C GLY A 272 -0.23 -32.50 -35.01
N ASP A 273 0.00 -31.94 -36.21
CA ASP A 273 -0.83 -32.25 -37.36
C ASP A 273 -0.87 -33.77 -37.61
N ASP A 274 0.29 -34.34 -37.89
CA ASP A 274 0.49 -35.79 -37.87
C ASP A 274 1.45 -36.20 -36.78
N SER A 275 2.35 -35.32 -36.37
CA SER A 275 3.36 -35.58 -35.35
C SER A 275 2.98 -34.94 -34.03
N ILE A 276 3.96 -34.40 -33.32
CA ILE A 276 3.77 -33.69 -32.07
C ILE A 276 4.57 -32.40 -32.15
N GLU A 277 3.90 -31.27 -31.98
CA GLU A 277 4.56 -29.98 -32.19
C GLU A 277 4.05 -28.96 -31.19
N LEU A 278 4.98 -28.17 -30.65
CA LEU A 278 4.62 -27.08 -29.76
C LEU A 278 4.06 -25.91 -30.56
N GLN A 279 3.22 -25.12 -29.91
CA GLN A 279 2.75 -23.88 -30.49
C GLN A 279 3.94 -23.05 -30.95
N ASP A 280 3.81 -22.48 -32.15
CA ASP A 280 4.99 -21.99 -32.86
C ASP A 280 5.71 -20.89 -32.10
N ASP A 281 4.99 -20.05 -31.36
CA ASP A 281 5.66 -18.98 -30.64
C ASP A 281 6.50 -19.49 -29.49
N PHE A 282 6.27 -20.72 -29.04
CA PHE A 282 7.00 -21.28 -27.92
C PHE A 282 8.29 -21.99 -28.33
N ILE A 283 8.38 -22.43 -29.59
CA ILE A 283 9.53 -23.25 -29.99
C ILE A 283 10.85 -22.53 -29.72
N PRO A 284 11.05 -21.28 -30.11
CA PRO A 284 12.35 -20.63 -29.83
C PRO A 284 12.75 -20.70 -28.37
N LEU A 285 11.78 -20.56 -27.46
CA LEU A 285 12.08 -20.68 -26.04
C LEU A 285 12.40 -22.13 -25.69
N PHE A 286 11.66 -23.06 -26.26
CA PHE A 286 11.87 -24.47 -25.95
C PHE A 286 13.25 -24.92 -26.43
N ASP A 287 13.69 -24.42 -27.58
CA ASP A 287 14.97 -24.83 -28.13
C ASP A 287 16.15 -24.28 -27.34
N SER A 288 15.96 -23.18 -26.61
CA SER A 288 17.02 -22.59 -25.81
C SER A 288 16.66 -22.58 -24.34
N LEU A 289 15.90 -23.58 -23.90
CA LEU A 289 15.38 -23.58 -22.53
C LEU A 289 16.50 -23.66 -21.50
N GLU A 290 17.62 -24.30 -21.85
CA GLU A 290 18.72 -24.41 -20.90
C GLU A 290 19.38 -23.09 -20.58
N GLU A 291 19.05 -22.01 -21.29
CA GLU A 291 19.60 -20.70 -21.01
C GLU A 291 18.75 -19.89 -20.03
N THR A 292 17.58 -20.39 -19.68
CA THR A 292 16.61 -19.62 -18.89
C THR A 292 16.97 -19.51 -17.42
N GLY A 293 17.76 -20.43 -16.89
CA GLY A 293 18.02 -20.50 -15.47
C GLY A 293 17.10 -21.43 -14.72
N ALA A 294 16.63 -22.51 -15.35
CA ALA A 294 15.63 -23.38 -14.76
C ALA A 294 16.17 -24.27 -13.64
N GLN A 295 17.46 -24.58 -13.65
CA GLN A 295 17.99 -25.51 -12.67
C GLN A 295 17.80 -24.98 -11.25
N GLY A 296 17.21 -25.80 -10.39
CA GLY A 296 16.95 -25.42 -9.03
C GLY A 296 15.72 -24.57 -8.82
N ARG A 297 15.13 -24.06 -9.89
CA ARG A 297 13.98 -23.17 -9.76
C ARG A 297 12.68 -23.96 -9.74
N LYS A 298 11.65 -23.36 -9.16
CA LYS A 298 10.34 -23.97 -9.05
C LYS A 298 9.52 -23.64 -10.30
N VAL A 299 9.06 -24.67 -10.99
CA VAL A 299 8.34 -24.52 -12.26
C VAL A 299 7.16 -25.47 -12.29
N ALA A 300 6.24 -25.21 -13.23
CA ALA A 300 5.10 -26.07 -13.47
C ALA A 300 4.51 -25.70 -14.81
N CYS A 301 3.92 -26.68 -15.48
CA CYS A 301 3.50 -26.52 -16.86
C CYS A 301 1.99 -26.69 -16.99
N PHE A 302 1.43 -26.01 -17.98
CA PHE A 302 0.03 -26.14 -18.34
C PHE A 302 -0.07 -26.08 -19.86
N GLY A 303 -1.24 -26.43 -20.38
CA GLY A 303 -1.42 -26.39 -21.82
C GLY A 303 -2.79 -26.86 -22.25
N CYS A 304 -3.25 -26.36 -23.39
CA CYS A 304 -4.55 -26.73 -23.93
C CYS A 304 -4.37 -27.70 -25.08
N GLY A 305 -5.20 -28.74 -25.10
CA GLY A 305 -5.13 -29.74 -26.14
C GLY A 305 -6.50 -30.31 -26.46
N ASP A 306 -6.53 -31.52 -27.02
CA ASP A 306 -7.79 -32.18 -27.31
C ASP A 306 -7.51 -33.68 -27.40
N SER A 307 -8.33 -34.46 -26.70
CA SER A 307 -8.02 -35.88 -26.51
C SER A 307 -8.20 -36.72 -27.76
N SER A 308 -8.84 -36.19 -28.81
CA SER A 308 -9.00 -36.96 -30.04
C SER A 308 -7.73 -37.02 -30.86
N TRP A 309 -6.65 -36.38 -30.42
CA TRP A 309 -5.35 -36.53 -31.02
C TRP A 309 -4.56 -37.60 -30.25
N GLU A 310 -3.57 -38.18 -30.92
CA GLU A 310 -2.88 -39.32 -30.34
C GLU A 310 -2.16 -38.94 -29.06
N TYR A 311 -1.53 -37.77 -29.05
CA TYR A 311 -0.73 -37.32 -27.90
C TYR A 311 -1.42 -36.11 -27.28
N PHE A 312 -2.35 -36.39 -26.37
CA PHE A 312 -3.10 -35.32 -25.70
C PHE A 312 -2.14 -34.44 -24.91
N CYS A 313 -2.11 -33.15 -25.26
CA CYS A 313 -1.21 -32.19 -24.63
C CYS A 313 0.23 -32.71 -24.61
N GLY A 314 0.68 -33.25 -25.73
CA GLY A 314 2.06 -33.67 -25.84
C GLY A 314 3.06 -32.54 -25.65
N ALA A 315 2.60 -31.29 -25.74
CA ALA A 315 3.51 -30.16 -25.57
C ALA A 315 3.94 -30.01 -24.11
N VAL A 316 3.01 -30.19 -23.17
CA VAL A 316 3.37 -30.07 -21.77
C VAL A 316 4.22 -31.24 -21.34
N ASP A 317 4.02 -32.42 -21.94
CA ASP A 317 4.93 -33.55 -21.71
C ASP A 317 6.34 -33.20 -22.12
N ALA A 318 6.51 -32.64 -23.31
CA ALA A 318 7.84 -32.32 -23.82
C ALA A 318 8.51 -31.24 -22.98
N ILE A 319 7.73 -30.25 -22.52
CA ILE A 319 8.30 -29.17 -21.73
C ILE A 319 8.71 -29.70 -20.35
N GLU A 320 7.85 -30.51 -19.72
CA GLU A 320 8.17 -31.05 -18.41
C GLU A 320 9.38 -31.96 -18.44
N GLU A 321 9.50 -32.80 -19.47
CA GLU A 321 10.65 -33.69 -19.57
C GLU A 321 11.94 -32.90 -19.72
N LYS A 322 11.91 -31.81 -20.49
CA LYS A 322 13.12 -30.99 -20.62
C LYS A 322 13.40 -30.26 -19.31
N LEU A 323 12.35 -29.79 -18.63
CA LEU A 323 12.54 -29.13 -17.35
C LEU A 323 13.10 -30.09 -16.31
N LYS A 324 12.70 -31.37 -16.36
CA LYS A 324 13.33 -32.36 -15.49
C LYS A 324 14.80 -32.54 -15.85
N ASN A 325 15.09 -32.69 -17.14
CA ASN A 325 16.47 -32.86 -17.57
C ASN A 325 17.35 -31.67 -17.23
N LEU A 326 16.76 -30.49 -17.00
CA LEU A 326 17.52 -29.31 -16.66
C LEU A 326 17.66 -29.11 -15.16
N GLY A 327 17.11 -30.02 -14.34
CA GLY A 327 17.24 -29.89 -12.91
C GLY A 327 16.30 -28.90 -12.29
N ALA A 328 15.24 -28.49 -12.99
CA ALA A 328 14.23 -27.64 -12.38
C ALA A 328 13.49 -28.42 -11.30
N GLU A 329 12.98 -27.69 -10.31
CA GLU A 329 12.16 -28.28 -9.26
C GLU A 329 10.70 -28.16 -9.66
N ILE A 330 10.17 -29.21 -10.28
CA ILE A 330 8.78 -29.22 -10.71
C ILE A 330 7.90 -29.37 -9.48
N VAL A 331 7.04 -28.37 -9.25
CA VAL A 331 6.28 -28.33 -8.00
C VAL A 331 5.12 -29.31 -8.04
N GLN A 332 4.52 -29.56 -9.20
CA GLN A 332 3.43 -30.52 -9.29
C GLN A 332 3.19 -30.84 -10.75
N ASP A 333 2.30 -31.82 -10.97
CA ASP A 333 2.06 -32.32 -12.31
C ASP A 333 1.36 -31.28 -13.17
N GLY A 334 1.56 -31.40 -14.48
CA GLY A 334 1.11 -30.36 -15.39
C GLY A 334 -0.40 -30.34 -15.53
N LEU A 335 -0.92 -29.16 -15.84
CA LEU A 335 -2.34 -28.96 -16.13
C LEU A 335 -2.59 -29.20 -17.61
N ARG A 336 -3.44 -30.19 -17.91
CA ARG A 336 -3.77 -30.57 -19.27
C ARG A 336 -5.26 -30.34 -19.46
N ILE A 337 -5.61 -29.36 -20.30
CA ILE A 337 -6.98 -28.93 -20.49
C ILE A 337 -7.49 -29.54 -21.79
N ASP A 338 -8.59 -30.28 -21.70
CA ASP A 338 -9.21 -30.90 -22.85
C ASP A 338 -10.36 -30.02 -23.35
N GLY A 339 -10.37 -29.75 -24.65
CA GLY A 339 -11.44 -28.95 -25.20
C GLY A 339 -11.38 -27.51 -24.72
N ASP A 340 -12.55 -26.90 -24.54
CA ASP A 340 -12.61 -25.49 -24.20
C ASP A 340 -12.16 -25.28 -22.76
N PRO A 341 -11.22 -24.36 -22.51
CA PRO A 341 -10.79 -24.14 -21.12
C PRO A 341 -11.84 -23.44 -20.28
N ARG A 342 -12.72 -22.66 -20.90
CA ARG A 342 -13.77 -21.99 -20.13
C ARG A 342 -14.74 -23.00 -19.51
N ALA A 343 -14.91 -24.16 -20.14
CA ALA A 343 -15.76 -25.22 -19.61
C ALA A 343 -15.06 -26.07 -18.56
N ALA A 344 -13.79 -25.81 -18.27
CA ALA A 344 -13.02 -26.55 -17.29
C ALA A 344 -12.34 -25.62 -16.28
N ARG A 345 -13.01 -24.50 -15.97
CA ARG A 345 -12.39 -23.46 -15.14
C ARG A 345 -12.10 -23.95 -13.73
N ASP A 346 -12.95 -24.82 -13.17
CA ASP A 346 -12.71 -25.30 -11.81
C ASP A 346 -11.37 -25.99 -11.68
N ASP A 347 -10.93 -26.70 -12.73
CA ASP A 347 -9.62 -27.36 -12.67
C ASP A 347 -8.50 -26.34 -12.75
N ILE A 348 -8.60 -25.37 -13.66
CA ILE A 348 -7.56 -24.36 -13.80
C ILE A 348 -7.34 -23.65 -12.47
N VAL A 349 -8.44 -23.23 -11.82
CA VAL A 349 -8.33 -22.55 -10.54
C VAL A 349 -7.82 -23.51 -9.47
N GLY A 350 -8.28 -24.76 -9.51
CA GLY A 350 -7.79 -25.74 -8.56
C GLY A 350 -6.31 -26.01 -8.72
N TRP A 351 -5.84 -26.11 -9.97
CA TRP A 351 -4.43 -26.31 -10.21
C TRP A 351 -3.62 -25.11 -9.75
N ALA A 352 -4.08 -23.89 -10.04
CA ALA A 352 -3.37 -22.70 -9.60
C ALA A 352 -3.30 -22.63 -8.09
N HIS A 353 -4.30 -23.18 -7.40
CA HIS A 353 -4.29 -23.20 -5.95
C HIS A 353 -3.20 -24.13 -5.43
N ASP A 354 -2.99 -25.26 -6.11
CA ASP A 354 -1.96 -26.20 -5.68
C ASP A 354 -0.57 -25.68 -5.99
N VAL A 355 -0.41 -25.02 -7.14
CA VAL A 355 0.87 -24.40 -7.47
C VAL A 355 1.19 -23.27 -6.51
N ARG A 356 0.15 -22.60 -6.01
CA ARG A 356 0.34 -21.44 -5.13
C ARG A 356 1.29 -21.75 -3.98
N GLY A 357 1.23 -22.98 -3.45
CA GLY A 357 1.99 -23.32 -2.28
C GLY A 357 3.47 -23.56 -2.53
N ALA A 358 3.95 -23.28 -3.75
CA ALA A 358 5.36 -23.44 -4.05
C ALA A 358 6.23 -22.63 -3.09
N ILE A 359 5.82 -21.41 -2.79
CA ILE A 359 6.50 -20.54 -1.83
C ILE A 359 5.63 -20.45 -0.58
N PRO A 360 6.19 -20.67 0.62
CA PRO A 360 5.35 -20.73 1.82
C PRO A 360 4.56 -19.45 2.06
N ASP A 361 3.37 -19.60 2.65
CA ASP A 361 2.50 -18.45 2.91
C ASP A 361 3.24 -17.37 3.69
N GLN A 362 4.03 -17.76 4.69
CA GLN A 362 4.66 -16.78 5.57
C GLN A 362 5.65 -15.90 4.81
N ALA A 363 6.34 -16.48 3.83
CA ALA A 363 7.27 -15.70 3.03
C ALA A 363 6.52 -14.70 2.15
N ARG A 364 5.46 -15.14 1.49
CA ARG A 364 4.69 -14.22 0.66
C ARG A 364 4.00 -13.17 1.51
N MET A 365 3.48 -13.57 2.67
CA MET A 365 2.78 -12.61 3.52
C MET A 365 3.75 -11.58 4.09
N ASP A 366 4.95 -11.99 4.46
CA ASP A 366 5.94 -11.04 4.93
C ASP A 366 6.36 -10.07 3.85
N ILE A 367 6.28 -10.48 2.58
CA ILE A 367 6.69 -9.59 1.48
C ILE A 367 5.61 -8.58 1.19
N GLU A 368 4.34 -8.99 1.16
CA GLU A 368 3.27 -8.03 0.90
C GLU A 368 3.09 -7.08 2.08
N LEU A 369 3.32 -7.56 3.31
CA LEU A 369 3.32 -6.65 4.45
C LEU A 369 4.45 -5.64 4.32
N ALA A 370 5.64 -6.08 3.92
CA ALA A 370 6.74 -5.14 3.72
C ALA A 370 6.45 -4.21 2.55
N LYS A 371 5.92 -4.74 1.45
CA LYS A 371 5.58 -3.90 0.30
C LYS A 371 4.51 -2.89 0.67
N THR A 372 3.48 -3.32 1.40
CA THR A 372 2.40 -2.40 1.77
C THR A 372 2.91 -1.26 2.63
N LEU A 373 3.80 -1.55 3.58
CA LEU A 373 4.27 -0.50 4.48
C LEU A 373 5.05 0.57 3.74
N VAL A 374 5.91 0.16 2.79
CA VAL A 374 6.72 1.14 2.08
C VAL A 374 5.83 2.04 1.23
N LEU A 375 4.70 1.52 0.75
CA LEU A 375 3.79 2.35 -0.03
C LEU A 375 3.11 3.37 0.86
N ILE A 376 2.62 2.95 2.03
CA ILE A 376 2.06 3.90 3.00
C ILE A 376 3.08 4.99 3.30
N LEU A 377 4.34 4.60 3.51
CA LEU A 377 5.37 5.57 3.86
C LEU A 377 5.61 6.56 2.73
N VAL A 378 5.80 6.06 1.51
CA VAL A 378 6.12 6.95 0.39
C VAL A 378 4.97 7.93 0.15
N VAL A 379 3.73 7.44 0.27
CA VAL A 379 2.59 8.34 0.10
C VAL A 379 2.59 9.39 1.19
N LEU A 380 2.96 9.01 2.41
CA LEU A 380 2.97 9.96 3.51
C LEU A 380 4.05 11.02 3.32
N ILE A 381 5.20 10.64 2.75
CA ILE A 381 6.25 11.60 2.50
C ILE A 381 5.87 12.53 1.36
N ILE A 382 5.13 12.02 0.37
CA ILE A 382 4.79 12.84 -0.78
C ILE A 382 3.79 13.91 -0.39
N CYS A 383 2.84 13.57 0.48
CA CYS A 383 1.76 14.50 0.80
C CYS A 383 2.13 15.45 1.94
N TRP A 384 2.63 14.91 3.04
CA TRP A 384 2.93 15.71 4.21
C TRP A 384 4.35 16.27 4.18
N GLY A 385 5.23 15.70 3.37
CA GLY A 385 6.59 16.18 3.26
C GLY A 385 6.66 17.66 2.94
N PRO A 386 6.10 18.08 1.81
CA PRO A 386 6.17 19.50 1.43
C PRO A 386 5.74 20.45 2.54
N LEU A 387 4.64 20.16 3.22
CA LEU A 387 4.21 21.02 4.33
C LEU A 387 5.28 21.08 5.41
N LEU A 388 5.90 19.94 5.73
CA LEU A 388 6.98 19.94 6.70
C LEU A 388 8.13 20.82 6.25
N ALA A 389 8.48 20.77 4.97
CA ALA A 389 9.52 21.64 4.46
C ALA A 389 9.15 23.11 4.62
N ILE A 390 7.87 23.44 4.47
CA ILE A 390 7.43 24.80 4.69
C ILE A 390 7.64 25.19 6.16
N MET A 391 7.31 24.29 7.08
N MET A 391 7.32 24.28 7.07
CA MET A 391 7.50 24.58 8.50
CA MET A 391 7.49 24.58 8.50
C MET A 391 8.98 24.70 8.84
C MET A 391 8.96 24.67 8.86
N VAL A 392 9.83 23.99 8.11
CA VAL A 392 11.27 24.12 8.34
C VAL A 392 11.75 25.49 7.86
N TYR A 393 11.19 25.98 6.75
CA TYR A 393 11.51 27.33 6.29
C TYR A 393 11.06 28.38 7.30
N ASP A 394 10.03 28.07 8.10
CA ASP A 394 9.48 29.05 9.02
C ASP A 394 10.34 29.20 10.27
N VAL A 395 10.85 28.10 10.81
CA VAL A 395 11.54 28.13 12.09
C VAL A 395 12.92 28.74 11.93
N PHE A 396 13.74 28.18 11.05
CA PHE A 396 15.13 28.63 10.94
C PHE A 396 15.22 30.06 10.45
N GLY A 397 14.75 30.32 9.24
CA GLY A 397 14.75 31.65 8.68
C GLY A 397 13.34 32.16 8.48
N LYS A 398 13.20 33.26 7.74
CA LYS A 398 11.90 33.82 7.46
C LYS A 398 11.24 33.04 6.30
N MET A 399 10.00 33.43 6.01
CA MET A 399 9.25 32.89 4.88
C MET A 399 9.60 33.66 3.61
N ASN A 400 8.99 33.24 2.50
CA ASN A 400 9.01 34.00 1.26
C ASN A 400 7.58 34.20 0.81
N LYS A 401 7.35 35.25 0.02
CA LYS A 401 6.03 35.42 -0.57
C LYS A 401 5.62 34.18 -1.35
N LEU A 402 6.58 33.50 -1.98
CA LEU A 402 6.25 32.33 -2.79
C LEU A 402 5.89 31.13 -1.92
N ILE A 403 6.60 30.95 -0.79
CA ILE A 403 6.34 29.79 0.05
C ILE A 403 4.98 29.91 0.73
N LYS A 404 4.54 31.14 1.02
CA LYS A 404 3.21 31.34 1.59
C LYS A 404 2.11 31.02 0.59
N THR A 405 2.43 31.00 -0.71
CA THR A 405 1.44 30.72 -1.75
C THR A 405 1.33 29.23 -2.03
N VAL A 406 2.46 28.54 -2.19
CA VAL A 406 2.42 27.09 -2.38
C VAL A 406 1.87 26.39 -1.14
N PHE A 407 1.93 27.04 0.01
CA PHE A 407 1.43 26.44 1.24
C PHE A 407 -0.06 26.14 1.14
N ALA A 408 -0.82 26.98 0.41
CA ALA A 408 -2.24 26.73 0.24
C ALA A 408 -2.49 25.43 -0.50
N PHE A 409 -1.58 25.04 -1.40
CA PHE A 409 -1.74 23.80 -2.14
C PHE A 409 -1.02 22.64 -1.48
N CYS A 410 0.07 22.90 -0.76
CA CYS A 410 0.73 21.83 -0.03
C CYS A 410 -0.12 21.35 1.14
N SER A 411 -0.89 22.24 1.76
CA SER A 411 -1.79 21.81 2.83
C SER A 411 -2.91 20.93 2.29
N MET A 412 -3.32 21.15 1.03
CA MET A 412 -4.31 20.27 0.42
C MET A 412 -3.73 18.90 0.11
N LEU A 413 -2.42 18.83 -0.16
CA LEU A 413 -1.77 17.51 -0.25
C LEU A 413 -1.96 16.74 1.04
N CYS A 414 -1.87 17.41 2.18
CA CYS A 414 -2.04 16.73 3.46
C CYS A 414 -3.38 16.03 3.56
N LEU A 415 -4.42 16.60 2.94
CA LEU A 415 -5.74 15.99 3.02
C LEU A 415 -5.82 14.72 2.18
N LEU A 416 -5.34 14.78 0.94
CA LEU A 416 -5.49 13.62 0.06
C LEU A 416 -4.60 12.46 0.47
N ASN A 417 -3.71 12.65 1.44
CA ASN A 417 -3.07 11.50 2.06
C ASN A 417 -4.08 10.67 2.84
N SER A 418 -5.00 11.34 3.52
CA SER A 418 -6.06 10.66 4.26
C SER A 418 -7.12 10.08 3.34
N THR A 419 -7.13 10.43 2.06
CA THR A 419 -8.11 9.89 1.12
C THR A 419 -7.59 8.67 0.40
N VAL A 420 -6.29 8.64 0.07
CA VAL A 420 -5.76 7.50 -0.66
C VAL A 420 -5.37 6.36 0.26
N ASN A 421 -5.18 6.61 1.56
CA ASN A 421 -4.86 5.52 2.47
C ASN A 421 -5.99 4.50 2.53
N PRO A 422 -7.26 4.90 2.71
CA PRO A 422 -8.34 3.91 2.58
C PRO A 422 -8.38 3.24 1.21
N ILE A 423 -7.89 3.92 0.17
CA ILE A 423 -7.80 3.28 -1.15
C ILE A 423 -6.67 2.26 -1.15
N ILE A 424 -5.56 2.56 -0.46
CA ILE A 424 -4.45 1.62 -0.41
C ILE A 424 -4.83 0.38 0.38
N TYR A 425 -5.55 0.56 1.48
CA TYR A 425 -5.97 -0.61 2.27
C TYR A 425 -6.83 -1.53 1.42
N ALA A 426 -7.69 -0.97 0.56
CA ALA A 426 -8.62 -1.79 -0.20
C ALA A 426 -7.88 -2.60 -1.27
N LEU A 427 -6.82 -2.06 -1.85
CA LEU A 427 -6.16 -2.73 -2.97
C LEU A 427 -5.20 -3.82 -2.53
N ARG A 428 -4.71 -3.77 -1.29
CA ARG A 428 -3.66 -4.69 -0.85
C ARG A 428 -4.13 -5.65 0.24
N SER A 429 -5.06 -5.23 1.09
CA SER A 429 -5.58 -6.11 2.14
C SER A 429 -6.69 -6.96 1.56
N LYS A 430 -6.36 -8.18 1.15
CA LYS A 430 -7.35 -9.06 0.55
C LYS A 430 -8.41 -9.47 1.56
N ASP A 431 -8.05 -9.53 2.84
CA ASP A 431 -9.02 -9.91 3.87
C ASP A 431 -10.03 -8.80 4.12
N LEU A 432 -9.62 -7.54 3.96
CA LEU A 432 -10.55 -6.43 4.19
C LEU A 432 -11.62 -6.39 3.11
N ARG A 433 -11.27 -6.74 1.87
CA ARG A 433 -12.26 -6.83 0.81
C ARG A 433 -13.35 -7.81 1.17
N HIS A 434 -12.97 -8.99 1.66
CA HIS A 434 -13.95 -10.01 1.99
C HIS A 434 -14.82 -9.60 3.17
N ALA A 435 -14.21 -8.98 4.19
CA ALA A 435 -15.01 -8.46 5.31
C ALA A 435 -15.97 -7.38 4.83
N PHE A 436 -15.58 -6.62 3.81
CA PHE A 436 -16.48 -5.63 3.22
C PHE A 436 -17.64 -6.31 2.52
N ARG A 437 -17.36 -7.31 1.67
CA ARG A 437 -18.43 -8.05 1.00
C ARG A 437 -19.28 -8.85 1.97
N SER A 438 -18.76 -9.14 3.18
CA SER A 438 -19.58 -9.80 4.19
C SER A 438 -20.82 -8.98 4.53
N MET A 439 -20.66 -7.66 4.60
CA MET A 439 -21.79 -6.74 4.75
C MET A 439 -22.35 -6.31 3.41
N PHE A 440 -22.16 -7.14 2.37
CA PHE A 440 -22.67 -6.84 1.03
C PHE A 440 -22.03 -5.59 0.45
CAE ZDG B . 1.76 22.04 13.12
CAD ZDG B . 1.65 20.88 12.13
CAA ZDG B . 0.53 21.16 11.14
CAB ZDG B . -0.31 21.39 10.32
CAC ZDG B . -1.43 21.68 9.32
CAN ZDG B . -1.29 21.35 7.98
CAM ZDG B . -2.31 21.62 7.10
CAJ ZDG B . -2.59 22.29 9.77
CAK ZDG B . -3.61 22.56 8.88
CAL ZDG B . -3.47 22.23 7.54
CAO ZDG B . -4.61 22.54 6.57
CAS ZDG B . -4.87 23.75 5.99
CBB ZDG B . -4.09 25.04 6.22
NAP ZDG B . -5.51 21.68 6.11
CAT ZDG B . -5.62 20.27 6.46
CAY ZDG B . -6.51 19.88 7.44
CLA ZDG B . -7.54 21.07 8.27
CAX ZDG B . -6.63 18.54 7.78
CAW ZDG B . -5.84 17.59 7.14
CLB ZDG B . -5.99 15.87 7.58
CAV ZDG B . -4.94 17.98 6.16
CAU ZDG B . -4.82 19.32 5.82
NAQ ZDG B . -6.36 22.34 5.24
CAR ZDG B . -5.97 23.61 5.17
CBC ZDG B . -6.64 24.69 4.32
OBE ZDG B . -6.96 25.71 4.81
NBD ZDG B . -6.87 24.42 2.90
NBF ZDG B . -7.42 25.27 2.14
CBG ZDG B . -6.64 25.44 1.08
CBH ZDG B . -7.21 26.40 0.03
CBI ZDG B . -8.67 26.18 -0.33
CBJ ZDG B . -9.45 25.65 0.87
CBK ZDG B . -8.61 24.79 1.81
N1 FMN C . -4.10 -31.23 -29.33
C2 FMN C . -3.36 -32.20 -28.71
O2 FMN C . -3.53 -32.45 -27.52
N3 FMN C . -2.39 -32.89 -29.42
C4 FMN C . -2.18 -32.61 -30.76
O4 FMN C . -1.32 -33.24 -31.38
C4A FMN C . -2.94 -31.63 -31.39
N5 FMN C . -2.74 -31.35 -32.73
C5A FMN C . -3.49 -30.37 -33.36
C6 FMN C . -3.28 -30.09 -34.70
C7 FMN C . -4.03 -29.11 -35.35
C7M FMN C . -3.75 -28.86 -36.81
C8 FMN C . -5.00 -28.41 -34.64
C8M FMN C . -5.84 -27.34 -35.29
C9 FMN C . -5.21 -28.69 -33.30
C9A FMN C . -4.45 -29.66 -32.64
N10 FMN C . -4.67 -29.95 -31.30
C10 FMN C . -3.91 -30.94 -30.68
C1' FMN C . -5.70 -29.22 -30.49
C2' FMN C . -5.11 -27.93 -29.95
O2' FMN C . -4.02 -28.22 -29.10
C3' FMN C . -6.27 -27.20 -29.30
O3' FMN C . -7.03 -26.66 -30.36
C4' FMN C . -5.86 -26.16 -28.27
O4' FMN C . -6.99 -25.90 -27.48
C5' FMN C . -5.42 -24.83 -28.87
O5' FMN C . -4.53 -24.16 -28.01
P FMN C . -4.35 -22.56 -28.10
O1P FMN C . -4.02 -22.01 -26.72
O2P FMN C . -3.26 -22.19 -29.07
O3P FMN C . -5.63 -21.91 -28.54
C10 OLC D . 12.20 0.95 22.02
C9 OLC D . 12.23 -0.35 22.22
C11 OLC D . 11.01 1.83 22.13
C8 OLC D . 11.08 -1.22 22.60
C24 OLC D . 10.29 -12.80 24.95
C12 OLC D . 11.37 3.31 22.06
C7 OLC D . 11.02 -2.49 21.77
C6 OLC D . 11.16 -3.78 22.55
C5 OLC D . 9.87 -4.54 22.71
C4 OLC D . 10.05 -5.99 23.10
C3 OLC D . 11.29 -6.66 22.51
C2 OLC D . 10.97 -7.92 21.74
C21 OLC D . 10.99 -10.47 24.35
C1 OLC D . 11.43 -9.17 22.42
C22 OLC D . 9.84 -11.39 24.64
O19 OLC D . 12.47 -9.70 22.23
O25 OLC D . 9.24 -13.54 25.55
O23 OLC D . 9.07 -10.88 25.73
O20 OLC D . 10.51 -9.62 23.28
C1 OLA E . -1.49 -4.87 6.64
O1 OLA E . -2.41 -5.44 7.28
O2 OLA E . -1.44 -5.02 5.41
C2 OLA E . -0.46 -4.00 7.37
C3 OLA E . -0.12 -4.64 8.72
C4 OLA E . 1.17 -4.06 9.31
C5 OLA E . 1.53 -4.89 10.52
C6 OLA E . 1.99 -3.98 11.65
C7 OLA E . 1.32 -4.39 12.95
C8 OLA E . 1.82 -3.52 14.09
C9 OLA E . 1.03 -3.85 15.33
C10 OLA E . 1.55 -3.84 16.54
C11 OLA E . 3.01 -3.52 16.81
C12 OLA E . 3.26 -3.67 18.31
C10 OLA F . 14.48 -3.92 18.16
C11 OLA F . 13.68 -2.65 18.33
C12 OLA F . 14.60 -1.44 18.10
C13 OLA F . 13.85 -0.13 18.37
C14 OLA F . 14.65 1.08 17.89
C15 OLA F . 13.98 2.39 18.31
C16 OLA F . 14.65 3.60 17.66
C17 OLA F . 13.91 4.89 18.00
C18 OLA F . 14.46 6.08 17.21
C6 OLA G . 4.42 -2.21 25.44
C7 OLA G . 5.51 -1.74 24.49
C8 OLA G . 5.37 -0.25 24.25
C9 OLA G . 6.65 0.26 23.60
C10 OLA G . 6.74 1.49 23.14
C11 OLA G . 5.54 2.43 23.24
C12 OLA G . 5.33 3.11 21.90
C13 OLA G . 6.10 4.42 21.88
C14 OLA G . 5.39 5.37 20.94
C15 OLA G . 6.27 6.60 20.75
C16 OLA G . 5.90 7.26 19.42
C17 OLA G . 5.88 8.76 19.61
C18 OLA G . 5.02 9.40 18.53
C1 PEG H . 15.00 -16.89 -6.01
O1 PEG H . 15.01 -15.72 -6.84
C2 PEG H . 16.00 -17.90 -6.55
O2 PEG H . 15.50 -19.22 -6.36
C3 PEG H . 16.52 -20.22 -6.51
C4 PEG H . 16.57 -20.64 -7.96
O4 PEG H . 17.86 -21.20 -8.23
#